data_6X6G
#
_entry.id   6X6G
#
_cell.length_a   175.010
_cell.length_b   175.010
_cell.length_c   124.465
_cell.angle_alpha   90.000
_cell.angle_beta   90.000
_cell.angle_gamma   120.000
#
_symmetry.space_group_name_H-M   'H 3 2'
#
loop_
_entity.id
_entity.type
_entity.pdbx_description
1 polymer 'N-acetyltransferase Eis'
2 non-polymer 3-[1-[4-(4-fluorophenyl)-4-oxidanylidene-butyl]-2,3,4,5-tetrahydropyridin-4-yl]-1~{H}-benzimidazol-2-one
3 non-polymer GLYCEROL
4 non-polymer 'DIMETHYL SULFOXIDE'
5 non-polymer DI(HYDROXYETHYL)ETHER
6 water water
#
_entity_poly.entity_id   1
_entity_poly.type   'polypeptide(L)'
_entity_poly.pdbx_seq_one_letter_code
;MGSSHHHHHHSSGLVPRGSHMTVTLCSPTEDDWPGMFLLAAASFTDFIGPESATAWRTLVPTDGAVVVRDGAGPGSEVVG
MALYMDLRLTVPGEVVLPTAGLSFVAVAPTHRRRGLLRAMCAELHRRIADSGYPVAALHASEGGIYGRFGYGPATTLHEL
TVDRRFARFHADAPGGGLGGSSVRLVRPTEHRGEFEAIYERWRQQVPGGLLRPQVLWDELLAEAKAAPGGDRESFALLHP
DGYALYRVDRTDLKLARVSELRAVTADAHCALWRALIGLDSMERISIITHPQDPLPHLLTDTRLARTTWRQDGLWLRIMN
VPAALEARGYAHEVGEFSTVLEVSDGGRFALKIGDGRARCTPTDAAAEIEMDRDVLGSLYLGAHRASTLAAANRLRTKDS
QLLRRLDAAFASDVPVQTAFEF
;
_entity_poly.pdbx_strand_id   AAA
#
# COMPACT_ATOMS: atom_id res chain seq x y z
N VAL A 23 -6.06 30.82 7.55
CA VAL A 23 -6.98 31.93 7.16
C VAL A 23 -8.36 31.34 6.85
N THR A 24 -8.52 30.76 5.65
CA THR A 24 -9.79 30.11 5.18
C THR A 24 -9.47 28.77 4.53
N LEU A 25 -10.42 27.83 4.60
CA LEU A 25 -10.29 26.47 4.01
C LEU A 25 -11.33 26.31 2.90
N CYS A 26 -10.89 26.11 1.65
CA CYS A 26 -11.74 26.10 0.42
C CYS A 26 -11.33 24.96 -0.50
N SER A 27 -12.26 24.49 -1.33
CA SER A 27 -11.95 23.71 -2.56
C SER A 27 -11.19 24.64 -3.50
N PRO A 28 -10.06 24.21 -4.10
CA PRO A 28 -9.29 25.11 -4.95
C PRO A 28 -9.95 25.33 -6.32
N THR A 29 -9.83 26.55 -6.85
CA THR A 29 -10.20 26.91 -8.24
C THR A 29 -9.01 26.56 -9.15
N GLU A 30 -9.20 26.63 -10.46
CA GLU A 30 -8.12 26.38 -11.45
C GLU A 30 -6.94 27.34 -11.16
N ASP A 31 -7.24 28.55 -10.67
CA ASP A 31 -6.25 29.62 -10.37
C ASP A 31 -5.32 29.22 -9.24
N ASP A 32 -5.75 28.29 -8.37
CA ASP A 32 -5.00 27.88 -7.16
C ASP A 32 -3.88 26.89 -7.49
N TRP A 33 -3.96 26.19 -8.63
CA TRP A 33 -3.08 25.01 -8.90
C TRP A 33 -1.63 25.42 -9.09
N PRO A 34 -1.28 26.56 -9.74
CA PRO A 34 0.11 27.02 -9.75
C PRO A 34 0.69 27.24 -8.34
N GLY A 35 -0.08 27.86 -7.44
CA GLY A 35 0.27 28.03 -6.02
C GLY A 35 0.44 26.70 -5.29
N MET A 36 -0.37 25.70 -5.66
CA MET A 36 -0.30 24.34 -5.07
C MET A 36 0.98 23.65 -5.56
N PHE A 37 1.33 23.80 -6.84
CA PHE A 37 2.57 23.24 -7.44
C PHE A 37 3.81 23.86 -6.78
N LEU A 38 3.79 25.16 -6.47
CA LEU A 38 4.91 25.83 -5.75
C LEU A 38 5.08 25.18 -4.37
N LEU A 39 4.00 25.06 -3.60
CA LEU A 39 4.04 24.43 -2.25
C LEU A 39 4.53 22.98 -2.36
N ALA A 40 4.12 22.27 -3.42
CA ALA A 40 4.49 20.87 -3.71
C ALA A 40 6.01 20.77 -3.94
N ALA A 41 6.51 21.56 -4.88
CA ALA A 41 7.95 21.67 -5.23
C ALA A 41 8.78 21.94 -3.96
N ALA A 42 8.30 22.80 -3.06
CA ALA A 42 9.02 23.21 -1.84
C ALA A 42 8.89 22.16 -0.72
N SER A 43 7.88 21.29 -0.80
CA SER A 43 7.51 20.33 0.29
C SER A 43 8.02 18.92 -0.02
N PHE A 44 8.02 18.53 -1.30
CA PHE A 44 8.31 17.14 -1.75
C PHE A 44 9.56 17.13 -2.63
N THR A 45 10.66 16.56 -2.13
CA THR A 45 11.95 16.49 -2.88
C THR A 45 11.73 15.59 -4.11
N ASP A 46 10.81 14.63 -4.01
CA ASP A 46 10.44 13.70 -5.11
C ASP A 46 9.30 14.29 -5.96
N PHE A 47 8.97 15.58 -5.83
CA PHE A 47 7.84 16.20 -6.58
C PHE A 47 7.97 15.82 -8.06
N ILE A 48 6.89 15.31 -8.64
CA ILE A 48 6.85 14.70 -10.02
C ILE A 48 6.78 15.81 -11.08
N GLY A 49 6.59 17.07 -10.68
CA GLY A 49 6.52 18.23 -11.58
C GLY A 49 5.10 18.49 -12.08
N PRO A 50 4.80 19.72 -12.56
CA PRO A 50 3.43 20.12 -12.91
C PRO A 50 2.75 19.25 -13.98
N GLU A 51 3.51 18.78 -14.98
CA GLU A 51 2.96 17.95 -16.08
C GLU A 51 2.42 16.62 -15.51
N SER A 52 3.23 15.91 -14.73
CA SER A 52 2.86 14.61 -14.11
C SER A 52 1.74 14.81 -13.08
N ALA A 53 1.87 15.83 -12.22
CA ALA A 53 0.85 16.22 -11.20
C ALA A 53 -0.51 16.43 -11.89
N THR A 54 -0.52 17.11 -13.04
CA THR A 54 -1.75 17.38 -13.84
C THR A 54 -2.36 16.05 -14.30
N ALA A 55 -1.55 15.05 -14.62
CA ALA A 55 -2.03 13.70 -15.02
C ALA A 55 -2.66 13.01 -13.80
N TRP A 56 -1.99 13.03 -12.65
CA TRP A 56 -2.52 12.43 -11.38
C TRP A 56 -3.84 13.16 -10.98
N ARG A 57 -4.01 14.48 -11.20
CA ARG A 57 -5.33 15.19 -10.95
C ARG A 57 -6.48 14.39 -11.55
N THR A 58 -6.34 13.83 -12.74
CA THR A 58 -7.52 13.16 -13.35
C THR A 58 -8.08 12.09 -12.38
N LEU A 59 -7.37 11.67 -11.32
CA LEU A 59 -7.87 10.69 -10.32
C LEU A 59 -8.51 11.38 -9.12
N VAL A 60 -8.45 12.72 -9.06
CA VAL A 60 -9.06 13.50 -7.95
C VAL A 60 -10.48 13.85 -8.37
N PRO A 61 -11.52 13.42 -7.62
CA PRO A 61 -12.89 13.79 -7.96
C PRO A 61 -13.13 15.27 -7.67
N THR A 62 -14.16 15.84 -8.31
CA THR A 62 -14.76 17.14 -7.91
C THR A 62 -14.88 17.17 -6.39
N ASP A 63 -14.40 18.22 -5.74
CA ASP A 63 -14.47 18.40 -4.27
C ASP A 63 -13.53 17.41 -3.53
N GLY A 64 -12.58 16.79 -4.24
CA GLY A 64 -11.57 15.89 -3.64
C GLY A 64 -10.37 16.62 -3.05
N ALA A 65 -10.30 17.95 -3.21
CA ALA A 65 -9.14 18.78 -2.81
C ALA A 65 -9.58 19.92 -1.89
N VAL A 66 -8.76 20.24 -0.89
CA VAL A 66 -8.88 21.47 -0.05
C VAL A 66 -7.56 22.24 -0.08
N VAL A 67 -7.64 23.56 0.02
CA VAL A 67 -6.48 24.49 0.18
C VAL A 67 -6.80 25.43 1.33
N VAL A 68 -5.75 25.84 2.05
CA VAL A 68 -5.78 27.00 2.99
C VAL A 68 -5.03 28.14 2.31
N ARG A 69 -5.68 29.30 2.13
CA ARG A 69 -5.03 30.54 1.64
C ARG A 69 -4.81 31.46 2.85
N ASP A 70 -3.77 32.30 2.79
CA ASP A 70 -3.52 33.36 3.80
C ASP A 70 -3.99 34.70 3.20
N GLY A 71 -5.11 35.22 3.71
N SER A 76 -4.25 35.73 -3.13
CA SER A 76 -3.28 35.44 -2.04
C SER A 76 -2.83 33.97 -2.10
N GLU A 77 -1.75 33.64 -1.37
CA GLU A 77 -0.94 32.42 -1.59
C GLU A 77 -1.47 31.21 -0.82
N VAL A 78 -1.14 30.03 -1.33
CA VAL A 78 -1.52 28.70 -0.78
C VAL A 78 -0.51 28.32 0.30
N VAL A 79 -0.98 28.11 1.53
CA VAL A 79 -0.14 27.79 2.71
C VAL A 79 -0.47 26.37 3.21
N GLY A 80 -1.53 25.76 2.67
CA GLY A 80 -1.92 24.38 3.03
C GLY A 80 -2.70 23.74 1.91
N MET A 81 -2.49 22.44 1.69
CA MET A 81 -3.29 21.68 0.71
C MET A 81 -3.34 20.20 1.12
N ALA A 82 -4.39 19.54 0.67
CA ALA A 82 -4.63 18.09 0.84
C ALA A 82 -5.68 17.66 -0.16
N LEU A 83 -5.57 16.44 -0.66
CA LEU A 83 -6.57 15.87 -1.58
C LEU A 83 -6.66 14.37 -1.39
N TYR A 84 -7.66 13.77 -2.02
CA TYR A 84 -7.81 12.30 -2.11
C TYR A 84 -8.14 11.96 -3.55
N MET A 85 -7.68 10.79 -3.96
CA MET A 85 -7.95 10.18 -5.28
C MET A 85 -8.90 9.00 -5.08
N ASP A 86 -9.71 8.76 -6.10
CA ASP A 86 -10.61 7.58 -6.18
C ASP A 86 -9.78 6.33 -6.53
N LEU A 87 -9.61 5.43 -5.56
CA LEU A 87 -8.83 4.18 -5.74
C LEU A 87 -9.74 2.96 -5.53
N ARG A 88 -9.24 1.80 -5.95
CA ARG A 88 -9.90 0.49 -5.74
C ARG A 88 -8.90 -0.43 -5.06
N LEU A 89 -9.16 -0.77 -3.80
CA LEU A 89 -8.23 -1.54 -2.93
C LEU A 89 -8.79 -2.96 -2.74
N THR A 90 -7.96 -3.97 -3.01
CA THR A 90 -8.29 -5.39 -2.78
C THR A 90 -8.01 -5.71 -1.31
N VAL A 91 -8.97 -6.34 -0.64
CA VAL A 91 -8.85 -6.75 0.79
C VAL A 91 -9.04 -8.26 0.83
N PRO A 92 -8.72 -8.94 1.96
CA PRO A 92 -8.83 -10.40 2.01
C PRO A 92 -10.23 -10.89 1.58
N GLY A 93 -10.27 -11.99 0.83
CA GLY A 93 -11.48 -12.52 0.19
C GLY A 93 -11.61 -12.05 -1.25
N GLU A 94 -10.58 -11.41 -1.80
CA GLU A 94 -10.56 -10.86 -3.18
C GLU A 94 -11.72 -9.86 -3.35
N VAL A 95 -12.08 -9.17 -2.27
CA VAL A 95 -13.12 -8.10 -2.27
C VAL A 95 -12.41 -6.79 -2.61
N VAL A 96 -12.99 -6.01 -3.52
CA VAL A 96 -12.44 -4.70 -3.97
C VAL A 96 -13.29 -3.58 -3.35
N LEU A 97 -12.69 -2.72 -2.52
CA LEU A 97 -13.38 -1.58 -1.86
C LEU A 97 -13.05 -0.27 -2.57
N PRO A 98 -14.05 0.62 -2.76
CA PRO A 98 -13.77 2.00 -3.14
C PRO A 98 -12.97 2.62 -1.98
N THR A 99 -11.89 3.33 -2.30
CA THR A 99 -10.90 3.80 -1.31
C THR A 99 -10.51 5.24 -1.65
N ALA A 100 -10.60 6.13 -0.66
CA ALA A 100 -10.10 7.51 -0.74
C ALA A 100 -8.59 7.50 -0.45
N GLY A 101 -7.77 7.75 -1.48
CA GLY A 101 -6.30 7.76 -1.34
C GLY A 101 -5.80 9.16 -1.06
N LEU A 102 -5.51 9.50 0.20
CA LEU A 102 -4.97 10.84 0.56
C LEU A 102 -3.56 10.99 -0.02
N SER A 103 -3.22 12.20 -0.46
CA SER A 103 -1.98 12.52 -1.21
C SER A 103 -1.80 14.03 -1.27
N PHE A 104 -0.60 14.49 -1.59
CA PHE A 104 -0.32 15.91 -1.91
C PHE A 104 -0.68 16.77 -0.69
N VAL A 105 -0.37 16.25 0.50
CA VAL A 105 -0.67 16.88 1.81
C VAL A 105 0.56 17.68 2.22
N ALA A 106 0.43 19.00 2.37
CA ALA A 106 1.55 19.90 2.68
C ALA A 106 1.03 21.11 3.45
N VAL A 107 1.80 21.52 4.45
CA VAL A 107 1.68 22.83 5.15
C VAL A 107 2.96 23.60 4.87
N ALA A 108 2.84 24.86 4.45
CA ALA A 108 3.98 25.76 4.19
C ALA A 108 4.87 25.87 5.43
N PRO A 109 6.21 25.97 5.28
CA PRO A 109 7.10 26.02 6.43
C PRO A 109 6.89 27.30 7.25
N THR A 110 6.24 28.29 6.63
CA THR A 110 5.85 29.59 7.23
C THR A 110 4.64 29.49 8.15
N HIS A 111 3.89 28.38 8.12
CA HIS A 111 2.55 28.25 8.78
C HIS A 111 2.46 26.97 9.62
N ARG A 112 3.58 26.45 10.13
CA ARG A 112 3.60 25.27 11.02
C ARG A 112 2.89 25.59 12.34
N ARG A 113 2.49 24.53 13.07
CA ARG A 113 1.93 24.58 14.44
C ARG A 113 0.76 25.57 14.50
N ARG A 114 -0.08 25.59 13.47
CA ARG A 114 -1.25 26.50 13.35
C ARG A 114 -2.53 25.68 13.16
N GLY A 115 -2.44 24.35 13.33
CA GLY A 115 -3.56 23.40 13.22
C GLY A 115 -4.13 23.31 11.82
N LEU A 116 -3.32 23.57 10.79
CA LEU A 116 -3.78 23.56 9.37
C LEU A 116 -3.96 22.11 8.90
N LEU A 117 -3.06 21.21 9.29
CA LEU A 117 -3.16 19.76 8.92
C LEU A 117 -4.45 19.18 9.53
N ARG A 118 -4.71 19.45 10.81
CA ARG A 118 -5.89 18.93 11.54
C ARG A 118 -7.18 19.43 10.86
N ALA A 119 -7.25 20.73 10.57
CA ALA A 119 -8.39 21.36 9.86
C ALA A 119 -8.60 20.69 8.49
N MET A 120 -7.54 20.51 7.70
CA MET A 120 -7.63 19.94 6.32
C MET A 120 -8.03 18.46 6.38
N CYS A 121 -7.46 17.67 7.30
CA CYS A 121 -7.76 16.23 7.48
C CYS A 121 -9.23 16.06 7.94
N ALA A 122 -9.72 16.92 8.83
CA ALA A 122 -11.12 16.88 9.33
C ALA A 122 -12.11 17.15 8.17
N GLU A 123 -11.81 18.14 7.32
CA GLU A 123 -12.71 18.49 6.19
C GLU A 123 -12.72 17.33 5.17
N LEU A 124 -11.57 16.80 4.77
CA LEU A 124 -11.52 15.73 3.75
C LEU A 124 -12.22 14.48 4.29
N HIS A 125 -11.99 14.12 5.55
CA HIS A 125 -12.62 12.92 6.18
C HIS A 125 -14.14 13.06 6.16
N ARG A 126 -14.64 14.26 6.42
CA ARG A 126 -16.08 14.63 6.38
C ARG A 126 -16.59 14.32 4.97
N ARG A 127 -15.92 14.86 3.96
CA ARG A 127 -16.28 14.68 2.52
C ARG A 127 -16.18 13.20 2.14
N ILE A 128 -15.14 12.52 2.61
CA ILE A 128 -14.88 11.10 2.26
C ILE A 128 -16.01 10.25 2.86
N ALA A 129 -16.32 10.44 4.14
CA ALA A 129 -17.41 9.72 4.86
C ALA A 129 -18.76 9.97 4.16
N ASP A 130 -19.09 11.23 3.90
CA ASP A 130 -20.39 11.64 3.27
C ASP A 130 -20.50 11.07 1.85
N SER A 131 -19.36 10.93 1.15
CA SER A 131 -19.34 10.41 -0.25
C SER A 131 -19.62 8.91 -0.27
N GLY A 132 -19.45 8.21 0.87
CA GLY A 132 -19.75 6.77 1.02
C GLY A 132 -18.54 5.87 0.86
N TYR A 133 -17.31 6.37 1.04
CA TYR A 133 -16.09 5.52 1.04
C TYR A 133 -16.05 4.77 2.37
N PRO A 134 -15.90 3.43 2.39
CA PRO A 134 -15.74 2.70 3.66
C PRO A 134 -14.35 2.80 4.27
N VAL A 135 -13.32 3.08 3.46
CA VAL A 135 -11.90 3.20 3.92
C VAL A 135 -11.22 4.36 3.18
N ALA A 136 -10.27 4.98 3.89
CA ALA A 136 -9.27 5.92 3.35
C ALA A 136 -7.88 5.29 3.53
N ALA A 137 -6.93 5.66 2.68
CA ALA A 137 -5.55 5.12 2.68
C ALA A 137 -4.53 6.21 2.32
N LEU A 138 -3.30 6.05 2.83
CA LEU A 138 -2.16 6.94 2.46
C LEU A 138 -0.81 6.21 2.66
N HIS A 139 0.22 6.78 2.04
CA HIS A 139 1.65 6.53 2.33
C HIS A 139 2.17 7.69 3.19
N ALA A 140 2.82 7.38 4.32
CA ALA A 140 3.20 8.37 5.36
C ALA A 140 4.62 8.87 5.10
N SER A 141 4.81 10.19 5.07
CA SER A 141 6.14 10.85 5.00
C SER A 141 6.93 10.55 6.28
N GLU A 142 6.25 10.51 7.43
CA GLU A 142 6.84 10.15 8.74
C GLU A 142 5.87 9.24 9.50
N GLY A 143 6.36 8.41 10.42
CA GLY A 143 5.55 7.39 11.12
C GLY A 143 4.76 7.94 12.29
N GLY A 144 5.01 9.18 12.74
CA GLY A 144 4.52 9.73 14.03
C GLY A 144 3.34 10.67 13.90
N ILE A 145 2.80 10.77 12.70
CA ILE A 145 1.86 11.85 12.32
C ILE A 145 0.43 11.28 12.19
N TYR A 146 0.17 10.21 11.43
CA TYR A 146 -1.20 9.86 10.95
C TYR A 146 -1.97 8.98 11.94
N GLY A 147 -1.32 8.39 12.94
CA GLY A 147 -1.98 7.57 13.97
C GLY A 147 -3.08 8.33 14.68
N ARG A 148 -2.87 9.62 14.96
CA ARG A 148 -3.80 10.46 15.74
C ARG A 148 -5.04 10.84 14.90
N PHE A 149 -5.01 10.65 13.58
CA PHE A 149 -6.17 10.89 12.66
C PHE A 149 -6.83 9.56 12.28
N GLY A 150 -6.45 8.46 12.95
CA GLY A 150 -7.09 7.13 12.85
C GLY A 150 -6.51 6.23 11.76
N TYR A 151 -5.37 6.59 11.16
CA TYR A 151 -4.64 5.72 10.20
C TYR A 151 -3.68 4.79 10.95
N GLY A 152 -3.76 3.50 10.65
CA GLY A 152 -2.84 2.47 11.15
C GLY A 152 -2.04 1.88 10.00
N PRO A 153 -0.72 1.60 10.17
CA PRO A 153 0.05 0.95 9.12
C PRO A 153 -0.51 -0.45 8.83
N ALA A 154 -0.81 -0.75 7.57
CA ALA A 154 -1.63 -1.92 7.16
C ALA A 154 -0.83 -2.89 6.27
N THR A 155 0.24 -2.43 5.62
CA THR A 155 1.20 -3.30 4.89
C THR A 155 2.62 -2.99 5.32
N THR A 156 3.53 -3.94 5.13
CA THR A 156 4.97 -3.85 5.50
C THR A 156 5.83 -3.99 4.25
N LEU A 157 6.63 -2.96 3.97
CA LEU A 157 7.69 -2.96 2.94
C LEU A 157 8.91 -3.66 3.53
N HIS A 158 9.44 -4.59 2.76
CA HIS A 158 10.55 -5.51 3.15
C HIS A 158 11.54 -5.51 1.99
N GLU A 159 12.66 -4.78 2.13
CA GLU A 159 13.71 -4.78 1.08
C GLU A 159 14.61 -6.00 1.29
N LEU A 160 14.71 -6.81 0.23
CA LEU A 160 15.67 -7.94 0.11
C LEU A 160 16.79 -7.52 -0.86
N THR A 161 18.03 -7.76 -0.44
CA THR A 161 19.25 -7.61 -1.28
C THR A 161 19.89 -8.99 -1.40
N VAL A 162 20.01 -9.49 -2.63
CA VAL A 162 20.62 -10.82 -2.95
C VAL A 162 22.03 -10.59 -3.49
N ASP A 163 23.06 -11.16 -2.84
CA ASP A 163 24.43 -11.26 -3.44
C ASP A 163 24.38 -12.38 -4.47
N ARG A 164 24.05 -12.03 -5.72
CA ARG A 164 23.70 -13.00 -6.78
C ARG A 164 24.93 -13.80 -7.23
N ARG A 165 26.15 -13.39 -6.86
CA ARG A 165 27.38 -14.15 -7.21
C ARG A 165 27.39 -15.51 -6.50
N PHE A 166 26.79 -15.60 -5.31
CA PHE A 166 26.73 -16.85 -4.49
C PHE A 166 25.40 -17.59 -4.67
N ALA A 167 24.41 -16.96 -5.31
CA ALA A 167 23.02 -17.46 -5.36
C ALA A 167 22.96 -18.73 -6.22
N ARG A 168 22.56 -19.86 -5.63
CA ARG A 168 22.27 -21.14 -6.35
C ARG A 168 20.84 -21.57 -5.99
N PHE A 169 20.05 -21.95 -6.98
CA PHE A 169 18.65 -22.42 -6.78
C PHE A 169 18.66 -23.81 -6.16
N HIS A 170 17.71 -24.03 -5.25
CA HIS A 170 17.44 -25.33 -4.59
C HIS A 170 16.99 -26.34 -5.65
N ALA A 171 17.33 -27.61 -5.44
CA ALA A 171 16.88 -28.76 -6.25
C ALA A 171 15.35 -28.74 -6.43
N ASP A 172 14.59 -28.29 -5.43
CA ASP A 172 13.10 -28.32 -5.42
C ASP A 172 12.51 -27.14 -6.21
N ALA A 173 13.29 -26.07 -6.44
CA ALA A 173 12.79 -24.81 -7.04
C ALA A 173 12.23 -25.08 -8.43
N PRO A 174 11.05 -24.55 -8.80
CA PRO A 174 10.49 -24.77 -10.14
C PRO A 174 11.39 -24.25 -11.29
N GLY A 175 11.23 -24.83 -12.48
CA GLY A 175 11.79 -24.32 -13.74
C GLY A 175 13.30 -24.48 -13.82
N GLY A 176 13.82 -25.65 -13.42
CA GLY A 176 15.25 -26.00 -13.55
C GLY A 176 15.51 -26.70 -14.87
N SER A 181 13.97 -21.04 -22.18
CA SER A 181 13.42 -20.18 -21.11
C SER A 181 12.03 -19.65 -21.52
N SER A 182 11.15 -19.54 -20.52
CA SER A 182 9.80 -18.94 -20.59
C SER A 182 9.86 -17.41 -20.44
N VAL A 183 11.01 -16.85 -20.03
CA VAL A 183 11.19 -15.40 -19.69
C VAL A 183 11.89 -14.70 -20.86
N ARG A 184 11.47 -13.48 -21.18
CA ARG A 184 12.06 -12.66 -22.26
C ARG A 184 12.56 -11.33 -21.69
N LEU A 185 13.77 -10.92 -22.09
CA LEU A 185 14.29 -9.55 -21.83
C LEU A 185 13.68 -8.60 -22.87
N VAL A 186 12.93 -7.58 -22.45
CA VAL A 186 12.21 -6.70 -23.41
C VAL A 186 12.31 -5.24 -22.97
N ARG A 187 12.05 -4.33 -23.92
CA ARG A 187 11.83 -2.87 -23.70
C ARG A 187 10.43 -2.70 -23.11
N PRO A 188 10.30 -2.09 -21.91
CA PRO A 188 8.99 -1.95 -21.27
C PRO A 188 7.91 -1.30 -22.16
N THR A 189 8.25 -0.23 -22.88
CA THR A 189 7.27 0.56 -23.69
C THR A 189 6.65 -0.30 -24.80
N GLU A 190 7.32 -1.40 -25.22
CA GLU A 190 6.87 -2.24 -26.36
C GLU A 190 5.92 -3.34 -25.91
N HIS A 191 5.66 -3.49 -24.60
CA HIS A 191 4.86 -4.61 -24.05
C HIS A 191 3.91 -4.10 -22.96
N ARG A 192 3.35 -2.91 -23.17
CA ARG A 192 2.43 -2.24 -22.21
C ARG A 192 1.20 -3.11 -21.97
N GLY A 193 0.57 -3.57 -23.06
CA GLY A 193 -0.63 -4.44 -23.04
C GLY A 193 -0.42 -5.65 -22.16
N GLU A 194 0.74 -6.30 -22.24
CA GLU A 194 1.01 -7.54 -21.47
C GLU A 194 1.22 -7.20 -19.99
N PHE A 195 1.90 -6.09 -19.69
CA PHE A 195 2.16 -5.66 -18.29
C PHE A 195 0.82 -5.29 -17.64
N GLU A 196 0.00 -4.53 -18.36
CA GLU A 196 -1.36 -4.11 -17.93
C GLU A 196 -2.17 -5.35 -17.54
N ALA A 197 -2.23 -6.35 -18.43
CA ALA A 197 -3.05 -7.57 -18.26
C ALA A 197 -2.53 -8.39 -17.07
N ILE A 198 -1.21 -8.53 -16.93
CA ILE A 198 -0.61 -9.30 -15.81
C ILE A 198 -0.92 -8.56 -14.50
N TYR A 199 -0.72 -7.24 -14.45
CA TYR A 199 -0.90 -6.42 -13.23
C TYR A 199 -2.36 -6.53 -12.78
N GLU A 200 -3.30 -6.44 -13.73
CA GLU A 200 -4.78 -6.46 -13.48
C GLU A 200 -5.15 -7.79 -12.81
N ARG A 201 -4.56 -8.91 -13.25
CA ARG A 201 -4.78 -10.24 -12.63
C ARG A 201 -4.18 -10.25 -11.21
N TRP A 202 -3.00 -9.65 -11.04
CA TRP A 202 -2.27 -9.62 -9.74
C TRP A 202 -3.09 -8.85 -8.69
N ARG A 203 -3.58 -7.67 -9.06
CA ARG A 203 -4.15 -6.68 -8.09
C ARG A 203 -5.49 -7.19 -7.55
N GLN A 204 -6.22 -7.96 -8.36
CA GLN A 204 -7.53 -8.57 -8.01
C GLN A 204 -7.36 -9.79 -7.09
N GLN A 205 -6.18 -10.39 -7.01
CA GLN A 205 -6.03 -11.65 -6.25
C GLN A 205 -5.24 -11.42 -4.95
N VAL A 206 -4.68 -10.22 -4.72
CA VAL A 206 -3.74 -9.95 -3.59
C VAL A 206 -4.29 -8.82 -2.72
N PRO A 207 -4.48 -9.03 -1.40
CA PRO A 207 -4.78 -7.93 -0.49
C PRO A 207 -3.66 -6.87 -0.55
N GLY A 208 -4.06 -5.60 -0.66
CA GLY A 208 -3.15 -4.46 -0.90
C GLY A 208 -3.13 -4.06 -2.38
N GLY A 209 -3.65 -4.90 -3.26
CA GLY A 209 -3.73 -4.59 -4.71
C GLY A 209 -4.52 -3.32 -4.94
N LEU A 210 -4.02 -2.46 -5.84
CA LEU A 210 -4.74 -1.25 -6.33
C LEU A 210 -4.94 -1.38 -7.84
N LEU A 211 -6.14 -1.02 -8.32
CA LEU A 211 -6.37 -0.78 -9.77
C LEU A 211 -5.36 0.31 -10.19
N ARG A 212 -4.59 0.06 -11.25
CA ARG A 212 -3.66 1.07 -11.82
C ARG A 212 -4.30 1.65 -13.07
N PRO A 213 -4.87 2.89 -13.01
CA PRO A 213 -5.53 3.48 -14.19
C PRO A 213 -4.54 3.82 -15.31
N GLN A 214 -5.08 4.16 -16.48
CA GLN A 214 -4.29 4.38 -17.72
C GLN A 214 -3.26 5.49 -17.52
N VAL A 215 -3.63 6.59 -16.86
CA VAL A 215 -2.70 7.74 -16.64
C VAL A 215 -1.47 7.29 -15.84
N LEU A 216 -1.62 6.31 -14.92
CA LEU A 216 -0.47 5.85 -14.08
C LEU A 216 0.40 4.89 -14.89
N TRP A 217 -0.17 4.16 -15.85
CA TRP A 217 0.62 3.39 -16.85
C TRP A 217 1.40 4.33 -17.77
N ASP A 218 0.78 5.42 -18.25
CA ASP A 218 1.48 6.48 -19.03
C ASP A 218 2.69 6.99 -18.23
N GLU A 219 2.48 7.29 -16.95
CA GLU A 219 3.52 7.86 -16.06
C GLU A 219 4.61 6.81 -15.81
N LEU A 220 4.23 5.56 -15.55
CA LEU A 220 5.21 4.48 -15.22
C LEU A 220 6.16 4.28 -16.39
N LEU A 221 5.65 4.23 -17.62
CA LEU A 221 6.46 3.88 -18.82
C LEU A 221 7.32 5.09 -19.26
N ALA A 222 6.94 6.30 -18.88
CA ALA A 222 7.76 7.52 -19.08
C ALA A 222 8.97 7.48 -18.13
N GLU A 223 8.78 7.05 -16.88
CA GLU A 223 9.85 6.93 -15.85
C GLU A 223 10.81 5.78 -16.20
N ALA A 224 10.40 4.86 -17.07
CA ALA A 224 11.17 3.68 -17.53
C ALA A 224 12.38 4.12 -18.36
N LYS A 225 12.24 5.24 -19.11
CA LYS A 225 13.31 5.71 -20.04
C LYS A 225 14.42 6.40 -19.22
N ALA A 226 15.64 6.42 -19.75
CA ALA A 226 16.83 7.05 -19.15
C ALA A 226 16.68 8.58 -19.15
N ALA A 227 17.31 9.25 -18.18
CA ALA A 227 17.32 10.73 -18.01
C ALA A 227 18.76 11.22 -17.93
N PRO A 228 19.14 12.30 -18.66
CA PRO A 228 20.50 12.84 -18.57
C PRO A 228 20.84 13.32 -17.15
N GLY A 229 21.87 12.72 -16.55
CA GLY A 229 22.25 12.93 -15.15
C GLY A 229 21.20 12.41 -14.17
N GLY A 230 20.32 11.52 -14.65
CA GLY A 230 19.22 10.93 -13.86
C GLY A 230 19.31 9.42 -13.83
N ASP A 231 18.17 8.73 -13.73
CA ASP A 231 18.09 7.26 -13.67
C ASP A 231 18.53 6.67 -15.02
N ARG A 232 19.05 5.45 -15.00
CA ARG A 232 19.46 4.69 -16.21
C ARG A 232 18.20 4.09 -16.85
N GLU A 233 18.33 3.57 -18.07
CA GLU A 233 17.25 2.88 -18.81
C GLU A 233 16.69 1.71 -17.98
N SER A 234 15.37 1.56 -17.96
CA SER A 234 14.67 0.40 -17.33
C SER A 234 14.55 -0.72 -18.36
N PHE A 235 14.73 -1.96 -17.91
CA PHE A 235 14.46 -3.18 -18.72
C PHE A 235 13.34 -3.94 -18.03
N ALA A 236 12.75 -4.87 -18.77
CA ALA A 236 11.67 -5.75 -18.29
C ALA A 236 12.06 -7.20 -18.58
N LEU A 237 11.73 -8.07 -17.64
CA LEU A 237 11.71 -9.54 -17.82
C LEU A 237 10.25 -9.96 -17.83
N LEU A 238 9.82 -10.56 -18.94
CA LEU A 238 8.40 -10.83 -19.23
C LEU A 238 8.17 -12.35 -19.35
N HIS A 239 7.27 -12.85 -18.51
CA HIS A 239 6.75 -14.24 -18.48
C HIS A 239 5.26 -14.16 -18.80
N PRO A 240 4.61 -15.20 -19.37
CA PRO A 240 3.15 -15.16 -19.55
C PRO A 240 2.36 -14.78 -18.29
N ASP A 241 2.89 -15.10 -17.10
CA ASP A 241 2.17 -14.97 -15.80
C ASP A 241 2.97 -14.09 -14.81
N GLY A 242 3.85 -13.23 -15.31
CA GLY A 242 4.58 -12.29 -14.45
C GLY A 242 5.54 -11.40 -15.21
N TYR A 243 5.91 -10.27 -14.62
CA TYR A 243 6.98 -9.39 -15.14
C TYR A 243 7.77 -8.82 -13.96
N ALA A 244 9.03 -8.50 -14.24
CA ALA A 244 9.91 -7.67 -13.39
C ALA A 244 10.35 -6.44 -14.19
N LEU A 245 10.21 -5.25 -13.62
CA LEU A 245 10.83 -3.99 -14.12
C LEU A 245 12.06 -3.72 -13.27
N TYR A 246 13.22 -3.51 -13.89
CA TYR A 246 14.47 -3.23 -13.14
C TYR A 246 15.33 -2.22 -13.91
N ARG A 247 16.23 -1.58 -13.17
CA ARG A 247 17.24 -0.66 -13.73
C ARG A 247 18.50 -0.75 -12.84
N VAL A 248 19.66 -0.57 -13.44
CA VAL A 248 20.95 -0.43 -12.70
C VAL A 248 20.87 0.88 -11.90
N ASP A 249 21.33 0.85 -10.65
CA ASP A 249 21.40 2.04 -9.76
C ASP A 249 22.25 3.13 -10.41
N ARG A 250 21.86 4.40 -10.22
CA ARG A 250 22.55 5.62 -10.75
C ARG A 250 24.06 5.57 -10.49
N THR A 251 24.44 5.28 -9.25
CA THR A 251 25.82 5.53 -8.72
C THR A 251 26.51 4.20 -8.39
N ASP A 252 25.79 3.24 -7.80
CA ASP A 252 26.28 1.86 -7.58
C ASP A 252 25.98 1.01 -8.84
N LEU A 253 26.98 0.86 -9.71
CA LEU A 253 26.82 0.22 -11.05
C LEU A 253 26.88 -1.30 -10.94
N LYS A 254 27.03 -1.86 -9.73
CA LYS A 254 26.98 -3.33 -9.48
C LYS A 254 25.66 -3.69 -8.78
N LEU A 255 24.74 -2.73 -8.60
CA LEU A 255 23.40 -2.96 -7.99
C LEU A 255 22.30 -2.81 -9.04
N ALA A 256 21.50 -3.86 -9.27
CA ALA A 256 20.23 -3.77 -10.03
C ALA A 256 19.08 -3.61 -9.04
N ARG A 257 18.24 -2.59 -9.24
CA ARG A 257 17.05 -2.35 -8.39
C ARG A 257 15.80 -2.80 -9.14
N VAL A 258 15.09 -3.78 -8.61
CA VAL A 258 13.76 -4.20 -9.14
C VAL A 258 12.73 -3.20 -8.61
N SER A 259 12.16 -2.38 -9.50
CA SER A 259 11.16 -1.35 -9.12
C SER A 259 9.83 -2.05 -8.82
N GLU A 260 9.60 -3.19 -9.46
CA GLU A 260 8.27 -3.84 -9.45
C GLU A 260 8.41 -5.26 -10.04
N LEU A 261 7.92 -6.25 -9.29
CA LEU A 261 7.79 -7.65 -9.76
C LEU A 261 6.38 -8.12 -9.43
N ARG A 262 5.58 -8.39 -10.46
CA ARG A 262 4.19 -8.86 -10.34
C ARG A 262 4.11 -10.27 -10.92
N ALA A 263 3.92 -11.26 -10.06
CA ALA A 263 3.84 -12.69 -10.43
C ALA A 263 2.51 -13.28 -9.95
N VAL A 264 1.78 -13.89 -10.87
CA VAL A 264 0.41 -14.45 -10.64
C VAL A 264 0.56 -15.91 -10.20
N THR A 265 1.65 -16.57 -10.59
CA THR A 265 1.93 -18.01 -10.27
C THR A 265 3.32 -18.12 -9.64
N ALA A 266 3.58 -19.20 -8.89
CA ALA A 266 4.87 -19.49 -8.24
C ALA A 266 5.92 -19.76 -9.33
N ASP A 267 5.50 -20.44 -10.39
CA ASP A 267 6.36 -20.73 -11.58
C ASP A 267 6.87 -19.41 -12.16
N ALA A 268 6.01 -18.41 -12.33
CA ALA A 268 6.38 -17.08 -12.89
C ALA A 268 7.39 -16.39 -11.96
N HIS A 269 7.13 -16.44 -10.65
CA HIS A 269 7.97 -15.79 -9.61
C HIS A 269 9.38 -16.41 -9.65
N CYS A 270 9.47 -17.74 -9.71
CA CYS A 270 10.77 -18.46 -9.73
C CYS A 270 11.51 -18.16 -11.05
N ALA A 271 10.83 -18.31 -12.19
CA ALA A 271 11.39 -18.05 -13.53
C ALA A 271 11.99 -16.64 -13.58
N LEU A 272 11.28 -15.64 -13.06
CA LEU A 272 11.75 -14.22 -13.10
C LEU A 272 13.01 -14.10 -12.23
N TRP A 273 13.07 -14.79 -11.10
CA TRP A 273 14.24 -14.70 -10.17
C TRP A 273 15.45 -15.41 -10.77
N ARG A 274 15.26 -16.55 -11.44
CA ARG A 274 16.33 -17.24 -12.22
C ARG A 274 16.93 -16.24 -13.24
N ALA A 275 16.09 -15.49 -13.96
CA ALA A 275 16.54 -14.48 -14.94
C ALA A 275 17.31 -13.36 -14.23
N LEU A 276 16.80 -12.87 -13.09
CA LEU A 276 17.42 -11.74 -12.35
C LEU A 276 18.78 -12.16 -11.81
N ILE A 277 18.89 -13.39 -11.28
CA ILE A 277 20.18 -13.95 -10.78
C ILE A 277 21.14 -14.16 -11.98
N GLY A 278 20.61 -14.23 -13.21
CA GLY A 278 21.40 -14.29 -14.45
C GLY A 278 21.97 -12.94 -14.91
N LEU A 279 21.72 -11.83 -14.18
CA LEU A 279 22.35 -10.53 -14.51
C LEU A 279 23.81 -10.56 -14.04
N ASP A 280 24.67 -11.23 -14.82
CA ASP A 280 26.05 -11.63 -14.43
C ASP A 280 26.94 -10.40 -14.22
N SER A 281 26.62 -9.25 -14.81
CA SER A 281 27.40 -8.00 -14.58
C SER A 281 27.07 -7.36 -13.22
N MET A 282 26.05 -7.85 -12.49
CA MET A 282 25.68 -7.26 -11.16
C MET A 282 26.27 -8.13 -10.03
N GLU A 283 26.60 -7.50 -8.90
CA GLU A 283 26.95 -8.16 -7.62
C GLU A 283 25.67 -8.39 -6.81
N ARG A 284 24.74 -7.43 -6.85
CA ARG A 284 23.55 -7.38 -5.96
C ARG A 284 22.28 -7.08 -6.78
N ILE A 285 21.19 -7.77 -6.43
CA ILE A 285 19.79 -7.48 -6.87
C ILE A 285 19.02 -7.09 -5.60
N SER A 286 18.41 -5.91 -5.60
CA SER A 286 17.53 -5.43 -4.49
C SER A 286 16.09 -5.32 -4.98
N ILE A 287 15.15 -5.60 -4.09
CA ILE A 287 13.69 -5.45 -4.36
C ILE A 287 13.01 -5.00 -3.07
N ILE A 288 12.05 -4.10 -3.18
CA ILE A 288 11.12 -3.75 -2.06
C ILE A 288 9.91 -4.67 -2.22
N THR A 289 9.81 -5.65 -1.33
CA THR A 289 8.83 -6.75 -1.40
C THR A 289 8.06 -6.81 -0.07
N HIS A 290 7.44 -7.95 0.23
CA HIS A 290 6.64 -8.17 1.47
C HIS A 290 7.32 -9.24 2.32
N PRO A 291 7.03 -9.30 3.64
CA PRO A 291 7.72 -10.23 4.54
C PRO A 291 7.59 -11.71 4.14
N GLN A 292 6.56 -12.09 3.39
CA GLN A 292 6.30 -13.51 3.05
C GLN A 292 6.80 -13.84 1.64
N ASP A 293 7.62 -12.98 1.01
CA ASP A 293 8.22 -13.26 -0.31
C ASP A 293 8.95 -14.61 -0.20
N PRO A 294 8.60 -15.61 -1.03
CA PRO A 294 9.26 -16.93 -0.93
C PRO A 294 10.70 -16.99 -1.47
N LEU A 295 11.22 -15.90 -2.04
CA LEU A 295 12.57 -15.85 -2.69
C LEU A 295 13.61 -16.58 -1.84
N PRO A 296 13.77 -16.32 -0.52
CA PRO A 296 14.86 -16.92 0.24
C PRO A 296 14.84 -18.46 0.18
N HIS A 297 13.64 -19.06 0.11
CA HIS A 297 13.40 -20.53 0.12
C HIS A 297 13.71 -21.16 -1.25
N LEU A 298 13.84 -20.34 -2.30
CA LEU A 298 14.24 -20.79 -3.66
C LEU A 298 15.75 -21.08 -3.72
N LEU A 299 16.53 -20.59 -2.75
CA LEU A 299 18.01 -20.64 -2.76
C LEU A 299 18.50 -21.72 -1.79
N THR A 300 19.66 -22.30 -2.06
CA THR A 300 20.32 -23.30 -1.18
C THR A 300 20.76 -22.61 0.11
N ASP A 301 21.06 -21.30 0.04
CA ASP A 301 21.43 -20.47 1.22
C ASP A 301 20.40 -19.35 1.39
N THR A 302 19.40 -19.55 2.24
CA THR A 302 18.29 -18.59 2.52
C THR A 302 18.86 -17.24 2.98
N ARG A 303 20.04 -17.27 3.60
CA ARG A 303 20.70 -16.08 4.19
C ARG A 303 21.14 -15.11 3.09
N LEU A 304 21.33 -15.58 1.86
CA LEU A 304 21.78 -14.72 0.72
C LEU A 304 20.72 -13.65 0.38
N ALA A 305 19.44 -13.90 0.69
CA ALA A 305 18.35 -12.91 0.55
C ALA A 305 18.26 -12.12 1.85
N ARG A 306 19.08 -11.07 1.98
CA ARG A 306 19.23 -10.27 3.22
C ARG A 306 18.14 -9.21 3.27
N THR A 307 17.48 -9.08 4.42
CA THR A 307 16.58 -7.94 4.73
C THR A 307 17.45 -6.74 5.06
N THR A 308 17.47 -5.74 4.18
CA THR A 308 18.34 -4.54 4.27
C THR A 308 17.54 -3.33 4.74
N TRP A 309 16.21 -3.47 4.84
CA TRP A 309 15.29 -2.33 5.12
C TRP A 309 13.86 -2.84 5.36
N ARG A 310 13.17 -2.24 6.32
CA ARG A 310 11.76 -2.55 6.67
C ARG A 310 11.05 -1.26 7.07
N GLN A 311 9.86 -1.03 6.53
CA GLN A 311 9.06 0.18 6.81
C GLN A 311 7.58 -0.12 6.59
N ASP A 312 6.71 0.58 7.32
CA ASP A 312 5.26 0.69 7.04
C ASP A 312 5.08 1.03 5.55
N GLY A 313 4.13 0.39 4.88
CA GLY A 313 3.76 0.72 3.49
C GLY A 313 2.46 1.52 3.45
N LEU A 314 1.36 0.87 3.08
CA LEU A 314 0.02 1.50 3.03
C LEU A 314 -0.53 1.64 4.45
N TRP A 315 -1.09 2.81 4.76
CA TRP A 315 -1.83 3.12 6.01
C TRP A 315 -3.33 3.14 5.70
N LEU A 316 -4.15 2.61 6.61
CA LEU A 316 -5.63 2.57 6.47
C LEU A 316 -6.31 3.34 7.59
N ARG A 317 -7.29 4.17 7.22
CA ARG A 317 -8.32 4.67 8.16
C ARG A 317 -9.65 4.03 7.77
N ILE A 318 -10.18 3.17 8.64
CA ILE A 318 -11.55 2.60 8.51
C ILE A 318 -12.53 3.75 8.75
N MET A 319 -13.27 4.17 7.71
CA MET A 319 -14.23 5.31 7.79
C MET A 319 -15.55 4.80 8.40
N ASN A 320 -16.01 3.64 7.95
CA ASN A 320 -17.28 2.97 8.38
C ASN A 320 -16.93 1.57 8.89
N VAL A 321 -16.92 1.39 10.22
CA VAL A 321 -16.47 0.11 10.87
C VAL A 321 -17.33 -1.05 10.37
N PRO A 322 -18.68 -1.01 10.50
CA PRO A 322 -19.50 -2.14 10.10
C PRO A 322 -19.37 -2.47 8.61
N ALA A 323 -19.35 -1.47 7.73
CA ALA A 323 -19.21 -1.67 6.26
C ALA A 323 -17.87 -2.37 5.98
N ALA A 324 -16.78 -1.89 6.57
CA ALA A 324 -15.42 -2.46 6.36
C ALA A 324 -15.39 -3.91 6.87
N LEU A 325 -15.81 -4.14 8.11
CA LEU A 325 -15.70 -5.49 8.74
C LEU A 325 -16.59 -6.50 8.00
N GLU A 326 -17.77 -6.11 7.53
CA GLU A 326 -18.69 -7.02 6.81
C GLU A 326 -18.15 -7.32 5.39
N ALA A 327 -17.39 -6.38 4.80
CA ALA A 327 -16.98 -6.44 3.38
C ALA A 327 -15.89 -7.51 3.15
N ARG A 328 -14.92 -7.65 4.06
CA ARG A 328 -13.76 -8.55 3.85
C ARG A 328 -14.15 -9.99 4.23
N GLY A 329 -13.42 -10.96 3.67
CA GLY A 329 -13.51 -12.38 4.03
C GLY A 329 -12.63 -12.68 5.22
N TYR A 330 -12.96 -13.72 5.98
CA TYR A 330 -12.23 -14.15 7.20
C TYR A 330 -11.78 -15.60 7.02
N ALA A 331 -10.79 -16.04 7.79
CA ALA A 331 -10.27 -17.43 7.75
C ALA A 331 -11.44 -18.39 8.02
N HIS A 332 -11.61 -19.41 7.18
CA HIS A 332 -12.62 -20.49 7.36
C HIS A 332 -12.21 -21.41 8.52
N GLU A 333 -10.93 -21.42 8.89
CA GLU A 333 -10.36 -22.41 9.84
C GLU A 333 -10.92 -22.16 11.25
N VAL A 334 -11.19 -20.91 11.61
CA VAL A 334 -11.74 -20.55 12.95
C VAL A 334 -13.25 -20.85 12.97
N GLY A 335 -13.73 -21.51 14.02
CA GLY A 335 -15.15 -21.81 14.18
C GLY A 335 -15.94 -20.55 14.51
N GLU A 336 -17.23 -20.53 14.21
CA GLU A 336 -18.11 -19.37 14.50
C GLU A 336 -17.85 -18.88 15.93
N PHE A 337 -17.75 -17.57 16.10
CA PHE A 337 -17.68 -16.91 17.43
C PHE A 337 -18.33 -15.52 17.34
N SER A 338 -18.78 -15.04 18.50
CA SER A 338 -19.44 -13.72 18.70
C SER A 338 -18.68 -12.94 19.77
N THR A 339 -18.57 -11.63 19.60
CA THR A 339 -17.95 -10.72 20.59
C THR A 339 -18.60 -9.34 20.45
N VAL A 340 -18.20 -8.41 21.30
CA VAL A 340 -18.60 -6.98 21.23
C VAL A 340 -17.31 -6.17 21.10
N LEU A 341 -17.18 -5.46 19.97
CA LEU A 341 -16.02 -4.60 19.64
C LEU A 341 -16.42 -3.13 19.82
N GLU A 342 -15.68 -2.41 20.66
CA GLU A 342 -15.73 -0.93 20.72
C GLU A 342 -14.49 -0.34 20.04
N VAL A 343 -14.70 0.48 19.02
CA VAL A 343 -13.68 1.42 18.48
C VAL A 343 -13.84 2.75 19.23
N SER A 344 -12.76 3.28 19.80
CA SER A 344 -12.76 4.57 20.56
C SER A 344 -13.37 5.66 19.67
N ASP A 345 -14.49 6.24 20.10
CA ASP A 345 -15.23 7.29 19.33
C ASP A 345 -15.51 6.80 17.91
N GLY A 346 -15.81 5.51 17.74
CA GLY A 346 -16.04 4.90 16.41
C GLY A 346 -17.22 3.93 16.40
N GLY A 347 -17.94 3.82 17.52
CA GLY A 347 -19.11 2.94 17.69
C GLY A 347 -18.80 1.71 18.51
N ARG A 348 -19.85 1.04 19.01
CA ARG A 348 -19.77 -0.30 19.62
C ARG A 348 -20.65 -1.26 18.82
N PHE A 349 -20.13 -2.46 18.53
CA PHE A 349 -20.75 -3.42 17.59
C PHE A 349 -20.73 -4.85 18.14
N ALA A 350 -21.86 -5.53 17.99
CA ALA A 350 -21.95 -7.01 18.06
C ALA A 350 -21.31 -7.56 16.79
N LEU A 351 -20.19 -8.26 16.95
CA LEU A 351 -19.40 -8.84 15.83
C LEU A 351 -19.51 -10.36 15.89
N LYS A 352 -20.09 -10.95 14.85
CA LYS A 352 -20.24 -12.42 14.70
C LYS A 352 -19.48 -12.83 13.44
N ILE A 353 -18.51 -13.73 13.57
CA ILE A 353 -17.66 -14.23 12.45
C ILE A 353 -17.83 -15.74 12.36
N GLY A 354 -18.26 -16.24 11.19
CA GLY A 354 -18.38 -17.68 10.90
C GLY A 354 -18.46 -17.92 9.41
N ASP A 355 -17.97 -19.08 8.94
CA ASP A 355 -17.97 -19.47 7.50
C ASP A 355 -17.28 -18.37 6.68
N GLY A 356 -16.23 -17.76 7.24
CA GLY A 356 -15.39 -16.74 6.56
C GLY A 356 -16.11 -15.42 6.32
N ARG A 357 -17.26 -15.17 6.96
CA ARG A 357 -18.03 -13.90 6.82
C ARG A 357 -18.27 -13.30 8.21
N ALA A 358 -18.41 -11.97 8.27
CA ALA A 358 -18.70 -11.23 9.52
C ALA A 358 -20.03 -10.51 9.40
N ARG A 359 -20.80 -10.54 10.49
CA ARG A 359 -21.98 -9.65 10.71
C ARG A 359 -21.63 -8.68 11.84
N CYS A 360 -21.87 -7.39 11.64
CA CYS A 360 -21.38 -6.30 12.52
C CYS A 360 -22.49 -5.27 12.71
N THR A 361 -23.22 -5.35 13.84
CA THR A 361 -24.48 -4.60 14.12
C THR A 361 -24.35 -3.75 15.37
N PRO A 362 -25.11 -2.64 15.49
CA PRO A 362 -25.06 -1.79 16.68
C PRO A 362 -25.44 -2.55 17.95
N THR A 363 -24.80 -2.24 19.07
CA THR A 363 -25.15 -2.80 20.41
C THR A 363 -24.73 -1.80 21.50
N ASP A 364 -25.41 -1.85 22.65
CA ASP A 364 -24.98 -1.11 23.88
C ASP A 364 -24.53 -2.15 24.92
N ALA A 365 -24.47 -3.43 24.54
CA ALA A 365 -23.94 -4.53 25.40
C ALA A 365 -22.49 -4.22 25.79
N ALA A 366 -22.03 -4.77 26.91
CA ALA A 366 -20.66 -4.56 27.45
C ALA A 366 -19.62 -4.93 26.39
N ALA A 367 -18.61 -4.07 26.20
CA ALA A 367 -17.48 -4.31 25.26
C ALA A 367 -16.60 -5.44 25.81
N GLU A 368 -16.24 -6.39 24.94
CA GLU A 368 -15.27 -7.48 25.23
C GLU A 368 -13.89 -7.12 24.66
N ILE A 369 -13.86 -6.29 23.60
CA ILE A 369 -12.62 -5.79 22.93
C ILE A 369 -12.75 -4.27 22.75
N GLU A 370 -11.72 -3.53 23.13
CA GLU A 370 -11.57 -2.08 22.86
C GLU A 370 -10.28 -1.83 22.07
N MET A 371 -10.34 -0.91 21.11
CA MET A 371 -9.14 -0.39 20.40
C MET A 371 -9.47 0.96 19.76
N ASP A 372 -8.45 1.80 19.57
CA ASP A 372 -8.53 3.03 18.73
C ASP A 372 -8.72 2.62 17.27
N ARG A 373 -9.29 3.52 16.46
CA ARG A 373 -9.60 3.30 15.03
C ARG A 373 -8.34 2.88 14.26
N ASP A 374 -7.19 3.50 14.54
CA ASP A 374 -5.91 3.23 13.83
C ASP A 374 -5.57 1.74 13.96
N VAL A 375 -5.83 1.16 15.12
CA VAL A 375 -5.46 -0.26 15.44
C VAL A 375 -6.27 -1.17 14.52
N LEU A 376 -7.55 -0.86 14.30
CA LEU A 376 -8.41 -1.67 13.40
C LEU A 376 -7.84 -1.62 11.99
N GLY A 377 -7.40 -0.46 11.53
CA GLY A 377 -6.71 -0.30 10.23
C GLY A 377 -5.54 -1.26 10.10
N SER A 378 -4.70 -1.34 11.13
CA SER A 378 -3.49 -2.21 11.17
C SER A 378 -3.86 -3.70 11.12
N LEU A 379 -5.01 -4.09 11.69
CA LEU A 379 -5.50 -5.51 11.70
C LEU A 379 -6.13 -5.87 10.34
N TYR A 380 -6.67 -4.88 9.63
CA TYR A 380 -7.71 -5.10 8.58
C TYR A 380 -7.19 -5.98 7.43
N LEU A 381 -5.94 -5.81 6.99
CA LEU A 381 -5.38 -6.56 5.82
C LEU A 381 -4.55 -7.77 6.30
N GLY A 382 -4.48 -8.02 7.62
CA GLY A 382 -3.79 -9.18 8.20
C GLY A 382 -2.29 -9.00 8.36
N ALA A 383 -1.75 -7.78 8.24
CA ALA A 383 -0.29 -7.51 8.32
C ALA A 383 0.20 -7.53 9.77
N HIS A 384 -0.69 -7.25 10.73
CA HIS A 384 -0.37 -7.19 12.18
C HIS A 384 -1.34 -8.10 12.94
N ARG A 385 -0.81 -8.86 13.91
CA ARG A 385 -1.59 -9.80 14.75
C ARG A 385 -2.24 -9.04 15.91
N ALA A 386 -3.52 -9.31 16.18
CA ALA A 386 -4.25 -8.80 17.37
C ALA A 386 -3.43 -9.06 18.64
N SER A 387 -2.82 -10.25 18.76
CA SER A 387 -1.99 -10.66 19.93
C SER A 387 -0.82 -9.69 20.13
N THR A 388 -0.18 -9.27 19.04
CA THR A 388 0.99 -8.36 19.07
C THR A 388 0.51 -6.98 19.56
N LEU A 389 -0.61 -6.51 19.03
CA LEU A 389 -1.17 -5.18 19.39
C LEU A 389 -1.68 -5.20 20.84
N ALA A 390 -2.26 -6.34 21.27
CA ALA A 390 -2.71 -6.57 22.66
C ALA A 390 -1.51 -6.50 23.61
N ALA A 391 -0.36 -7.07 23.23
CA ALA A 391 0.85 -7.10 24.07
C ALA A 391 1.35 -5.66 24.32
N ALA A 392 1.05 -4.74 23.41
CA ALA A 392 1.39 -3.30 23.52
C ALA A 392 0.26 -2.51 24.17
N ASN A 393 -0.84 -3.19 24.51
CA ASN A 393 -2.05 -2.58 25.12
C ASN A 393 -2.72 -1.59 24.15
N ARG A 394 -2.50 -1.71 22.84
CA ARG A 394 -3.20 -0.91 21.79
C ARG A 394 -4.59 -1.53 21.55
N LEU A 395 -4.74 -2.78 21.94
CA LEU A 395 -5.96 -3.62 21.81
C LEU A 395 -6.23 -4.25 23.18
N ARG A 396 -7.37 -3.94 23.79
CA ARG A 396 -7.68 -4.37 25.18
C ARG A 396 -8.82 -5.39 25.19
N THR A 397 -8.54 -6.56 25.74
CA THR A 397 -9.55 -7.57 26.14
C THR A 397 -9.05 -8.33 27.38
N LYS A 398 -9.96 -8.98 28.10
CA LYS A 398 -9.65 -9.80 29.31
C LYS A 398 -9.74 -11.30 28.97
N ASP A 399 -10.06 -11.62 27.72
CA ASP A 399 -10.24 -13.02 27.22
C ASP A 399 -9.13 -13.36 26.20
N SER A 400 -8.17 -14.20 26.60
CA SER A 400 -7.03 -14.61 25.74
C SER A 400 -7.52 -15.56 24.64
N GLN A 401 -8.60 -16.31 24.89
CA GLN A 401 -9.24 -17.17 23.86
C GLN A 401 -9.80 -16.29 22.73
N LEU A 402 -10.46 -15.19 23.06
CA LEU A 402 -11.00 -14.21 22.08
C LEU A 402 -9.84 -13.67 21.23
N LEU A 403 -8.72 -13.35 21.87
CA LEU A 403 -7.49 -12.84 21.19
C LEU A 403 -7.04 -13.84 20.13
N ARG A 404 -6.89 -15.11 20.49
CA ARG A 404 -6.48 -16.18 19.53
C ARG A 404 -7.48 -16.24 18.36
N ARG A 405 -8.78 -16.13 18.65
CA ARG A 405 -9.83 -16.24 17.61
C ARG A 405 -9.77 -15.04 16.65
N LEU A 406 -9.55 -13.83 17.17
CA LEU A 406 -9.36 -12.61 16.34
C LEU A 406 -8.14 -12.79 15.44
N ASP A 407 -7.01 -13.16 16.04
CA ASP A 407 -5.73 -13.46 15.33
C ASP A 407 -6.01 -14.35 14.13
N ALA A 408 -6.65 -15.50 14.36
CA ALA A 408 -6.89 -16.52 13.31
C ALA A 408 -7.87 -15.96 12.28
N ALA A 409 -8.93 -15.27 12.72
CA ALA A 409 -10.03 -14.80 11.84
C ALA A 409 -9.50 -13.72 10.88
N PHE A 410 -8.77 -12.72 11.39
CA PHE A 410 -8.30 -11.55 10.59
C PHE A 410 -7.09 -11.91 9.74
N ALA A 411 -6.42 -13.04 10.01
CA ALA A 411 -5.30 -13.55 9.20
C ALA A 411 -5.74 -13.62 7.73
N SER A 412 -4.84 -13.27 6.81
CA SER A 412 -5.04 -13.35 5.34
C SER A 412 -4.32 -14.58 4.79
N ASP A 413 -5.07 -15.48 4.14
CA ASP A 413 -4.57 -16.67 3.42
C ASP A 413 -3.49 -16.24 2.42
N VAL A 414 -3.84 -15.36 1.48
CA VAL A 414 -2.90 -14.69 0.53
C VAL A 414 -2.20 -13.57 1.29
N PRO A 415 -0.86 -13.59 1.43
CA PRO A 415 -0.15 -12.56 2.18
C PRO A 415 -0.37 -11.15 1.58
N VAL A 416 -0.51 -10.15 2.45
CA VAL A 416 -0.75 -8.74 2.04
C VAL A 416 0.53 -8.21 1.40
N GLN A 417 0.38 -7.56 0.24
CA GLN A 417 1.49 -6.94 -0.52
C GLN A 417 1.18 -5.46 -0.71
N THR A 418 2.16 -4.69 -1.18
CA THR A 418 1.95 -3.25 -1.47
C THR A 418 1.96 -3.08 -2.99
N ALA A 419 0.99 -2.34 -3.51
CA ALA A 419 0.72 -2.21 -4.97
C ALA A 419 1.66 -1.18 -5.63
N PHE A 420 1.39 0.10 -5.37
CA PHE A 420 2.22 1.22 -5.83
C PHE A 420 1.97 2.36 -4.86
N GLU A 421 2.96 3.22 -4.70
CA GLU A 421 2.92 4.37 -3.78
C GLU A 421 2.11 5.50 -4.44
N PHE A 422 1.40 6.28 -3.63
CA PHE A 422 0.58 7.42 -4.12
C PHE A 422 0.63 8.55 -3.10
#